data_7MHT
#
_entry.id   7MHT
#
_cell.length_a   99.860
_cell.length_b   99.860
_cell.length_c   325.200
_cell.angle_alpha   90.00
_cell.angle_beta   90.00
_cell.angle_gamma   120.00
#
_symmetry.space_group_name_H-M   'H 3 2'
#
loop_
_entity.id
_entity.type
_entity.pdbx_description
1 polymer "5'-D(P*GP*TP*CP*AP*GP*CP*GP*CP*AP*TP*GP*G)-3'"
2 polymer "5'-D(P*CP*CP*AP*TP*GP*AP*GP*CP*TP*GP*AP*C)-3'"
3 polymer 'CYTOSINE-SPECIFIC METHYLTRANSFERASE HHAI'
4 non-polymer S-ADENOSYL-L-HOMOCYSTEINE
5 water water
#
loop_
_entity_poly.entity_id
_entity_poly.type
_entity_poly.pdbx_seq_one_letter_code
_entity_poly.pdbx_strand_id
1 'polydeoxyribonucleotide' (DG)(DT)(DC)(DA)(DG)(DC)(DG)(DC)(DA)(DT)(DG)(DG) C
2 'polydeoxyribonucleotide' (DC)(DC)(DA)(DT)(DG)(DA)(DG)(DC)(DT)(DG)(DA)(DC) D
3 'polypeptide(L)'
;MIEIKDKQLTGLRFIDLFAGLGGFRLALESCGAECVYSNEWDKYAQEVYEMNFGEKPEGDITQVNEKTIPDHDILCAGFP
CQAFSISGKQKGFEDSRGTLFFDIARIVREKKPKVVFMENVKNFASHDNGNTLEVVKNTMNELDYSFHAKVLNALDYGIP
QKRERIYMICFRNDLNIQNFQFPKPFELNTFVKDLLLPDSEVEHLVIDRKDLVMTNQEIEQTTPKTVRLGIVGKGGQGER
IYSTRGIAITLSAYGGGIFAKTGGYLVNGKTRKLHPRECARVMGYPDSYKVHPSTSQAYKQFGNSVVINVLQYIAYNIGS
SLNFKPY
;
A
#
# COMPACT_ATOMS: atom_id res chain seq x y z
N MET C 1 11.70 1.62 5.90
CA MET C 1 11.11 0.65 6.85
C MET C 1 11.82 0.71 8.19
N ILE C 2 11.18 0.13 9.20
CA ILE C 2 11.70 0.12 10.56
C ILE C 2 12.46 -1.18 10.82
N GLU C 3 13.21 -1.24 11.92
CA GLU C 3 13.96 -2.46 12.23
C GLU C 3 13.33 -3.29 13.36
N ILE C 4 13.04 -4.54 13.08
CA ILE C 4 12.44 -5.41 14.08
C ILE C 4 13.49 -6.27 14.76
N LYS C 5 13.56 -6.21 16.09
CA LYS C 5 14.54 -7.05 16.79
C LYS C 5 13.96 -8.38 17.29
N ASP C 6 12.73 -8.34 17.75
CA ASP C 6 12.01 -9.49 18.26
C ASP C 6 11.25 -10.12 17.09
N LYS C 7 11.83 -11.14 16.46
CA LYS C 7 11.18 -11.77 15.31
C LYS C 7 10.01 -12.71 15.59
N GLN C 8 8.87 -12.13 15.91
CA GLN C 8 7.66 -12.88 16.24
C GLN C 8 7.11 -13.95 15.28
N LEU C 9 7.48 -13.91 14.00
CA LEU C 9 6.92 -14.87 13.04
C LEU C 9 7.86 -15.95 12.49
N THR C 10 8.95 -16.23 13.19
CA THR C 10 9.88 -17.26 12.72
C THR C 10 9.18 -18.61 12.58
N GLY C 11 9.47 -19.31 11.49
CA GLY C 11 8.86 -20.61 11.27
C GLY C 11 7.54 -20.69 10.50
N LEU C 12 6.89 -19.57 10.21
CA LEU C 12 5.62 -19.61 9.47
C LEU C 12 5.81 -19.39 7.98
N ARG C 13 4.86 -19.85 7.18
CA ARG C 13 4.92 -19.73 5.71
C ARG C 13 3.75 -18.89 5.21
N PHE C 14 3.93 -18.18 4.10
CA PHE C 14 2.87 -17.36 3.53
C PHE C 14 2.95 -17.28 2.00
N ILE C 15 1.90 -16.75 1.36
CA ILE C 15 1.86 -16.59 -0.09
C ILE C 15 1.52 -15.14 -0.45
N ASP C 16 2.17 -14.65 -1.50
CA ASP C 16 2.04 -13.28 -1.98
C ASP C 16 1.13 -13.16 -3.23
N LEU C 17 -0.16 -12.89 -3.03
CA LEU C 17 -1.07 -12.76 -4.15
C LEU C 17 -1.16 -11.31 -4.59
N PHE C 18 -1.28 -11.08 -5.92
CA PHE C 18 -1.36 -9.75 -6.50
C PHE C 18 -0.10 -9.04 -6.04
N ALA C 19 1.02 -9.77 -6.12
CA ALA C 19 2.32 -9.33 -5.64
C ALA C 19 2.84 -7.92 -5.86
N GLY C 20 2.59 -7.34 -7.02
CA GLY C 20 3.11 -6.01 -7.29
C GLY C 20 4.62 -5.96 -7.10
N LEU C 21 5.09 -5.00 -6.32
CA LEU C 21 6.53 -4.84 -6.05
C LEU C 21 7.07 -5.80 -4.98
N GLY C 22 6.18 -6.38 -4.17
CA GLY C 22 6.61 -7.26 -3.11
C GLY C 22 6.58 -6.57 -1.76
N GLY C 23 5.70 -5.58 -1.59
CA GLY C 23 5.59 -4.87 -0.33
C GLY C 23 5.20 -5.78 0.84
N PHE C 24 4.28 -6.72 0.61
CA PHE C 24 3.88 -7.65 1.68
C PHE C 24 5.05 -8.57 2.05
N ARG C 25 5.90 -8.91 1.07
CA ARG C 25 7.03 -9.80 1.35
C ARG C 25 8.10 -9.15 2.22
N LEU C 26 8.46 -7.91 1.95
CA LEU C 26 9.46 -7.23 2.77
C LEU C 26 9.04 -7.19 4.24
N ALA C 27 7.81 -6.75 4.48
CA ALA C 27 7.25 -6.63 5.82
C ALA C 27 7.25 -7.95 6.55
N LEU C 28 6.75 -9.02 5.92
CA LEU C 28 6.69 -10.31 6.59
C LEU C 28 8.06 -10.98 6.78
N GLU C 29 8.97 -10.86 5.82
CA GLU C 29 10.30 -11.46 5.98
C GLU C 29 11.08 -10.78 7.09
N SER C 30 10.84 -9.49 7.32
CA SER C 30 11.55 -8.79 8.37
C SER C 30 11.17 -9.33 9.75
N CYS C 31 10.05 -10.04 9.83
CA CYS C 31 9.61 -10.64 11.10
C CYS C 31 9.99 -12.11 11.21
N GLY C 32 10.67 -12.64 10.19
CA GLY C 32 11.12 -14.02 10.22
C GLY C 32 10.32 -15.07 9.49
N ALA C 33 9.25 -14.67 8.82
CA ALA C 33 8.41 -15.63 8.08
C ALA C 33 9.03 -16.04 6.73
N GLU C 34 8.43 -17.02 6.06
CA GLU C 34 8.96 -17.52 4.79
C GLU C 34 7.94 -17.55 3.66
N CYS C 35 8.38 -17.14 2.47
CA CYS C 35 7.52 -17.10 1.28
C CYS C 35 7.66 -18.37 0.45
N VAL C 36 6.52 -18.96 0.09
CA VAL C 36 6.51 -20.20 -0.68
C VAL C 36 5.76 -20.20 -2.03
N TYR C 37 5.13 -19.08 -2.40
CA TYR C 37 4.38 -18.93 -3.64
C TYR C 37 4.06 -17.47 -3.86
N SER C 38 3.97 -17.06 -5.12
CA SER C 38 3.62 -15.68 -5.45
C SER C 38 2.90 -15.68 -6.78
N ASN C 39 2.13 -14.63 -7.05
CA ASN C 39 1.36 -14.54 -8.27
C ASN C 39 1.15 -13.07 -8.62
N GLU C 40 1.46 -12.73 -9.88
CA GLU C 40 1.33 -11.37 -10.44
C GLU C 40 1.41 -11.52 -11.93
N TRP C 41 0.43 -10.96 -12.65
CA TRP C 41 0.39 -11.08 -14.09
C TRP C 41 1.03 -10.00 -14.98
N ASP C 42 1.26 -8.81 -14.43
CA ASP C 42 1.86 -7.72 -15.21
C ASP C 42 3.30 -8.00 -15.62
N LYS C 43 3.56 -7.97 -16.93
CA LYS C 43 4.90 -8.21 -17.47
C LYS C 43 6.03 -7.47 -16.76
N TYR C 44 5.88 -6.16 -16.60
CA TYR C 44 6.92 -5.37 -15.97
C TYR C 44 7.03 -5.51 -14.45
N ALA C 45 5.92 -5.79 -13.77
CA ALA C 45 5.98 -5.97 -12.33
C ALA C 45 6.79 -7.24 -12.09
N GLN C 46 6.63 -8.23 -12.97
CA GLN C 46 7.38 -9.48 -12.86
C GLN C 46 8.90 -9.26 -12.99
N GLU C 47 9.33 -8.32 -13.84
CA GLU C 47 10.75 -8.05 -13.99
C GLU C 47 11.35 -7.47 -12.71
N VAL C 48 10.73 -6.44 -12.11
CA VAL C 48 11.27 -5.88 -10.86
C VAL C 48 11.34 -6.90 -9.73
N TYR C 49 10.30 -7.72 -9.60
CA TYR C 49 10.24 -8.74 -8.57
C TYR C 49 11.44 -9.67 -8.73
N GLU C 50 11.68 -10.15 -9.95
CA GLU C 50 12.81 -11.04 -10.23
C GLU C 50 14.16 -10.41 -9.90
N MET C 51 14.30 -9.13 -10.26
CA MET C 51 15.51 -8.36 -10.02
C MET C 51 15.87 -8.33 -8.52
N ASN C 52 14.87 -8.09 -7.67
CA ASN C 52 15.07 -7.99 -6.23
C ASN C 52 15.02 -9.28 -5.43
N PHE C 53 14.05 -10.14 -5.75
CA PHE C 53 13.90 -11.38 -5.01
C PHE C 53 14.47 -12.65 -5.64
N GLY C 54 14.61 -12.66 -6.97
CA GLY C 54 15.18 -13.82 -7.62
C GLY C 54 14.28 -14.93 -8.14
N GLU C 55 12.98 -14.66 -8.32
CA GLU C 55 12.05 -15.66 -8.83
C GLU C 55 10.89 -14.97 -9.58
N LYS C 56 10.37 -15.60 -10.63
CA LYS C 56 9.27 -15.06 -11.44
C LYS C 56 7.94 -15.55 -10.87
N PRO C 57 7.00 -14.62 -10.58
CA PRO C 57 5.69 -15.04 -10.04
C PRO C 57 4.82 -15.66 -11.12
N GLU C 58 3.92 -16.56 -10.73
CA GLU C 58 3.02 -17.18 -11.70
C GLU C 58 2.08 -16.12 -12.27
N GLY C 59 1.38 -16.49 -13.35
CA GLY C 59 0.47 -15.58 -14.01
C GLY C 59 -0.98 -15.69 -13.55
N ASP C 60 -1.88 -15.12 -14.34
CA ASP C 60 -3.32 -15.07 -14.07
C ASP C 60 -3.95 -16.00 -13.01
N ILE C 61 -4.31 -15.41 -11.89
CA ILE C 61 -4.93 -16.12 -10.78
C ILE C 61 -6.30 -16.70 -11.13
N THR C 62 -6.99 -16.14 -12.11
CA THR C 62 -8.32 -16.65 -12.46
C THR C 62 -8.34 -17.97 -13.20
N GLN C 63 -7.17 -18.49 -13.56
CA GLN C 63 -7.13 -19.79 -14.22
C GLN C 63 -6.07 -20.70 -13.64
N VAL C 64 -5.96 -20.67 -12.32
CA VAL C 64 -5.02 -21.50 -11.59
C VAL C 64 -5.85 -22.40 -10.70
N ASN C 65 -5.60 -23.70 -10.76
CA ASN C 65 -6.34 -24.65 -9.96
C ASN C 65 -5.88 -24.53 -8.50
N GLU C 66 -6.82 -24.17 -7.64
CA GLU C 66 -6.57 -23.95 -6.22
C GLU C 66 -5.92 -25.10 -5.47
N LYS C 67 -5.86 -26.29 -6.07
CA LYS C 67 -5.26 -27.43 -5.37
C LYS C 67 -3.74 -27.59 -5.60
N THR C 68 -3.24 -26.82 -6.57
CA THR C 68 -1.83 -26.81 -6.92
C THR C 68 -1.05 -26.04 -5.86
N ILE C 69 -1.71 -25.01 -5.32
CA ILE C 69 -1.16 -24.11 -4.31
C ILE C 69 -0.63 -24.84 -3.08
N PRO C 70 0.60 -24.49 -2.66
CA PRO C 70 1.24 -25.09 -1.50
C PRO C 70 0.55 -24.79 -0.18
N ASP C 71 0.79 -25.64 0.83
CA ASP C 71 0.22 -25.49 2.16
C ASP C 71 0.92 -24.26 2.78
N HIS C 72 0.14 -23.37 3.40
CA HIS C 72 0.68 -22.15 4.00
C HIS C 72 -0.07 -21.72 5.26
N ASP C 73 0.52 -20.82 6.05
CA ASP C 73 -0.08 -20.35 7.31
C ASP C 73 -0.80 -19.00 7.25
N ILE C 74 -0.36 -18.11 6.36
CA ILE C 74 -0.96 -16.79 6.22
C ILE C 74 -1.14 -16.48 4.74
N LEU C 75 -2.31 -15.95 4.39
CA LEU C 75 -2.61 -15.56 3.02
C LEU C 75 -2.61 -14.04 2.95
N CYS C 76 -1.76 -13.48 2.08
CA CYS C 76 -1.62 -12.04 1.88
C CYS C 76 -2.23 -11.62 0.55
N ALA C 77 -3.00 -10.53 0.52
CA ALA C 77 -3.60 -10.04 -0.73
C ALA C 77 -4.10 -8.61 -0.71
N GLY C 78 -3.56 -7.79 -1.62
CA GLY C 78 -4.00 -6.41 -1.77
C GLY C 78 -4.67 -6.37 -3.14
N PHE C 79 -5.91 -6.87 -3.22
CA PHE C 79 -6.66 -6.95 -4.47
C PHE C 79 -6.98 -5.60 -5.13
N PRO C 80 -7.18 -5.61 -6.48
CA PRO C 80 -7.49 -4.43 -7.29
C PRO C 80 -8.52 -3.48 -6.73
N CYS C 81 -8.19 -2.18 -6.78
CA CYS C 81 -9.05 -1.13 -6.24
C CYS C 81 -9.83 -0.25 -7.22
N GLN C 82 -9.53 -0.31 -8.51
CA GLN C 82 -10.19 0.55 -9.49
C GLN C 82 -11.73 0.63 -9.39
N ALA C 83 -12.38 -0.52 -9.21
CA ALA C 83 -13.85 -0.57 -9.13
C ALA C 83 -14.47 -0.04 -7.84
N PHE C 84 -13.65 0.32 -6.85
CA PHE C 84 -14.15 0.81 -5.57
C PHE C 84 -13.63 2.20 -5.16
N SER C 85 -12.54 2.64 -5.78
CA SER C 85 -11.94 3.95 -5.46
C SER C 85 -12.87 5.16 -5.69
N ILE C 86 -12.65 6.21 -4.92
CA ILE C 86 -13.44 7.42 -5.02
C ILE C 86 -13.06 8.24 -6.26
N SER C 87 -11.97 7.86 -6.92
CA SER C 87 -11.51 8.60 -8.11
C SER C 87 -12.02 7.96 -9.41
N GLY C 88 -12.70 6.82 -9.30
CA GLY C 88 -13.21 6.13 -10.48
C GLY C 88 -14.70 6.25 -10.71
N LYS C 89 -15.28 5.25 -11.39
CA LYS C 89 -16.71 5.21 -11.71
C LYS C 89 -17.60 4.43 -10.71
N GLN C 90 -16.97 3.86 -9.70
CA GLN C 90 -17.65 3.11 -8.64
C GLN C 90 -18.59 1.95 -9.05
N LYS C 91 -18.23 1.20 -10.10
CA LYS C 91 -19.05 0.09 -10.58
C LYS C 91 -19.02 -1.23 -9.78
N GLY C 92 -18.22 -1.29 -8.73
CA GLY C 92 -18.18 -2.47 -7.89
C GLY C 92 -18.17 -3.86 -8.53
N PHE C 93 -18.99 -4.76 -8.00
CA PHE C 93 -19.07 -6.13 -8.50
C PHE C 93 -19.48 -6.35 -9.96
N GLU C 94 -19.90 -5.28 -10.65
CA GLU C 94 -20.33 -5.35 -12.06
C GLU C 94 -19.13 -5.05 -12.98
N ASP C 95 -17.97 -4.85 -12.37
CA ASP C 95 -16.74 -4.55 -13.09
C ASP C 95 -15.87 -5.80 -13.07
N SER C 96 -15.30 -6.17 -14.21
CA SER C 96 -14.45 -7.37 -14.30
C SER C 96 -13.18 -7.30 -13.45
N ARG C 97 -12.97 -6.14 -12.81
CA ARG C 97 -11.83 -5.92 -11.93
C ARG C 97 -12.35 -5.87 -10.49
N GLY C 98 -13.67 -6.07 -10.32
CA GLY C 98 -14.26 -6.02 -8.99
C GLY C 98 -14.53 -7.37 -8.35
N THR C 99 -14.47 -8.42 -9.17
CA THR C 99 -14.75 -9.79 -8.72
C THR C 99 -13.56 -10.57 -8.15
N LEU C 100 -12.38 -9.97 -8.15
CA LEU C 100 -11.19 -10.68 -7.67
C LEU C 100 -11.36 -11.27 -6.29
N PHE C 101 -12.08 -10.59 -5.41
CA PHE C 101 -12.27 -11.10 -4.07
C PHE C 101 -12.72 -12.57 -4.03
N PHE C 102 -13.65 -12.94 -4.88
CA PHE C 102 -14.17 -14.33 -4.91
C PHE C 102 -13.16 -15.42 -5.28
N ASP C 103 -12.04 -15.06 -5.90
CA ASP C 103 -11.01 -16.03 -6.23
C ASP C 103 -10.26 -16.30 -4.94
N ILE C 104 -10.23 -15.29 -4.07
CA ILE C 104 -9.58 -15.40 -2.78
C ILE C 104 -10.38 -16.40 -1.97
N ALA C 105 -11.69 -16.16 -1.85
CA ALA C 105 -12.60 -17.05 -1.14
C ALA C 105 -12.46 -18.49 -1.65
N ARG C 106 -12.33 -18.64 -2.95
CA ARG C 106 -12.17 -19.95 -3.58
C ARG C 106 -10.91 -20.68 -3.07
N ILE C 107 -9.80 -19.95 -2.96
CA ILE C 107 -8.53 -20.52 -2.50
C ILE C 107 -8.60 -20.82 -1.01
N VAL C 108 -9.24 -19.92 -0.27
CA VAL C 108 -9.38 -20.08 1.17
C VAL C 108 -10.08 -21.38 1.55
N ARG C 109 -11.23 -21.67 0.94
CA ARG C 109 -11.98 -22.88 1.25
C ARG C 109 -11.15 -24.18 1.17
N GLU C 110 -10.15 -24.22 0.30
CA GLU C 110 -9.32 -25.40 0.09
C GLU C 110 -8.11 -25.53 1.00
N LYS C 111 -7.35 -24.45 1.14
CA LYS C 111 -6.15 -24.49 1.94
C LYS C 111 -6.34 -24.20 3.43
N LYS C 112 -7.52 -23.70 3.79
CA LYS C 112 -7.87 -23.35 5.17
C LYS C 112 -6.68 -22.83 6.01
N PRO C 113 -6.08 -21.67 5.61
CA PRO C 113 -4.94 -21.09 6.32
C PRO C 113 -5.28 -20.50 7.68
N LYS C 114 -4.27 -20.28 8.51
CA LYS C 114 -4.49 -19.76 9.85
C LYS C 114 -4.94 -18.31 9.86
N VAL C 115 -4.27 -17.45 9.08
CA VAL C 115 -4.60 -16.03 9.00
C VAL C 115 -4.79 -15.57 7.56
N VAL C 116 -5.68 -14.59 7.37
CA VAL C 116 -5.96 -13.99 6.06
C VAL C 116 -5.74 -12.50 6.32
N PHE C 117 -4.82 -11.93 5.55
CA PHE C 117 -4.43 -10.52 5.69
C PHE C 117 -4.69 -9.82 4.35
N MET C 118 -5.72 -9.00 4.30
CA MET C 118 -6.11 -8.23 3.09
C MET C 118 -6.08 -6.72 3.35
N GLU C 119 -6.14 -5.93 2.29
CA GLU C 119 -6.10 -4.46 2.39
C GLU C 119 -6.65 -3.75 1.13
N ASN C 120 -7.39 -2.66 1.28
CA ASN C 120 -7.90 -1.91 0.12
C ASN C 120 -8.05 -0.42 0.45
N VAL C 121 -8.62 0.38 -0.46
CA VAL C 121 -8.73 1.82 -0.21
C VAL C 121 -9.88 2.20 0.73
N LYS C 122 -9.79 3.40 1.29
CA LYS C 122 -10.79 3.90 2.24
C LYS C 122 -12.26 3.84 1.78
N ASN C 123 -12.54 4.20 0.53
CA ASN C 123 -13.92 4.15 0.03
C ASN C 123 -14.48 2.73 -0.05
N PHE C 124 -13.64 1.71 0.10
CA PHE C 124 -14.12 0.32 0.05
C PHE C 124 -15.13 0.12 1.19
N ALA C 125 -14.85 0.71 2.34
CA ALA C 125 -15.71 0.59 3.51
C ALA C 125 -17.05 1.30 3.37
N SER C 126 -17.13 2.33 2.54
CA SER C 126 -18.37 3.06 2.38
C SER C 126 -19.17 2.73 1.11
N HIS C 127 -18.53 2.12 0.12
CA HIS C 127 -19.15 1.78 -1.17
C HIS C 127 -20.50 1.05 -1.06
N ASP C 128 -21.44 1.48 -1.90
CA ASP C 128 -22.79 0.90 -1.99
C ASP C 128 -23.51 0.86 -0.65
N ASN C 129 -23.42 1.96 0.09
CA ASN C 129 -24.05 2.07 1.41
C ASN C 129 -23.68 0.91 2.33
N GLY C 130 -22.38 0.68 2.48
CA GLY C 130 -21.89 -0.38 3.35
C GLY C 130 -22.18 -1.81 2.94
N ASN C 131 -22.86 -2.03 1.83
CA ASN C 131 -23.19 -3.39 1.40
C ASN C 131 -22.00 -4.24 1.01
N THR C 132 -21.06 -3.66 0.28
CA THR C 132 -19.87 -4.37 -0.17
C THR C 132 -19.03 -4.91 1.00
N LEU C 133 -18.88 -4.13 2.07
CA LEU C 133 -18.10 -4.60 3.20
C LEU C 133 -18.84 -5.75 3.88
N GLU C 134 -20.17 -5.63 3.94
CA GLU C 134 -20.99 -6.68 4.54
C GLU C 134 -20.79 -8.01 3.81
N VAL C 135 -20.83 -7.97 2.48
CA VAL C 135 -20.64 -9.17 1.68
C VAL C 135 -19.31 -9.87 2.00
N VAL C 136 -18.23 -9.09 2.09
CA VAL C 136 -16.92 -9.66 2.43
C VAL C 136 -16.97 -10.27 3.82
N LYS C 137 -17.53 -9.53 4.78
CA LYS C 137 -17.62 -10.00 6.17
C LYS C 137 -18.36 -11.32 6.34
N ASN C 138 -19.56 -11.39 5.79
CA ASN C 138 -20.37 -12.60 5.88
C ASN C 138 -19.73 -13.82 5.24
N THR C 139 -19.11 -13.66 4.08
CA THR C 139 -18.45 -14.78 3.41
C THR C 139 -17.32 -15.34 4.30
N MET C 140 -16.61 -14.45 4.99
CA MET C 140 -15.52 -14.84 5.87
C MET C 140 -16.03 -15.57 7.10
N ASN C 141 -17.13 -15.11 7.68
CA ASN C 141 -17.70 -15.76 8.86
C ASN C 141 -18.15 -17.17 8.48
N GLU C 142 -18.86 -17.28 7.34
CA GLU C 142 -19.37 -18.56 6.85
C GLU C 142 -18.28 -19.59 6.62
N LEU C 143 -17.09 -19.14 6.25
CA LEU C 143 -15.97 -20.05 6.03
C LEU C 143 -15.28 -20.41 7.37
N ASP C 144 -15.87 -19.94 8.48
CA ASP C 144 -15.38 -20.17 9.85
C ASP C 144 -14.19 -19.28 10.32
N TYR C 145 -14.27 -17.98 10.06
CA TYR C 145 -13.25 -17.00 10.43
C TYR C 145 -13.89 -15.84 11.17
N SER C 146 -13.09 -15.09 11.92
CA SER C 146 -13.57 -13.92 12.64
C SER C 146 -13.11 -12.74 11.77
N PHE C 147 -13.84 -11.64 11.79
CA PHE C 147 -13.48 -10.50 10.94
C PHE C 147 -13.13 -9.27 11.76
N HIS C 148 -11.91 -8.74 11.58
CA HIS C 148 -11.43 -7.53 12.31
C HIS C 148 -10.99 -6.51 11.24
N ALA C 149 -11.56 -5.30 11.27
CA ALA C 149 -11.23 -4.29 10.27
C ALA C 149 -11.17 -2.85 10.78
N LYS C 150 -10.28 -2.05 10.18
CA LYS C 150 -10.09 -0.64 10.57
C LYS C 150 -9.44 0.22 9.47
N VAL C 151 -9.60 1.54 9.57
CA VAL C 151 -9.05 2.50 8.61
C VAL C 151 -7.88 3.25 9.25
N LEU C 152 -6.69 3.15 8.64
CA LEU C 152 -5.51 3.79 9.19
C LEU C 152 -4.80 4.77 8.27
N ASN C 153 -4.56 5.97 8.77
CA ASN C 153 -3.88 7.01 7.99
C ASN C 153 -2.38 6.88 8.23
N ALA C 154 -1.60 6.81 7.15
CA ALA C 154 -0.15 6.68 7.26
C ALA C 154 0.60 7.75 8.04
N LEU C 155 0.08 8.97 8.11
CA LEU C 155 0.78 10.04 8.83
C LEU C 155 0.88 9.82 10.35
N ASP C 156 0.15 8.83 10.86
CA ASP C 156 0.12 8.48 12.28
C ASP C 156 1.18 7.42 12.63
N TYR C 157 1.92 6.91 11.65
CA TYR C 157 2.92 5.88 11.92
C TYR C 157 4.31 6.12 11.32
N GLY C 158 4.77 7.36 11.41
CA GLY C 158 6.09 7.73 10.94
C GLY C 158 6.39 8.14 9.52
N ILE C 159 5.47 7.92 8.58
CA ILE C 159 5.70 8.26 7.18
C ILE C 159 4.87 9.50 6.83
N PRO C 160 5.49 10.52 6.23
CA PRO C 160 4.79 11.75 5.85
C PRO C 160 3.90 11.72 4.62
N GLN C 161 2.78 11.02 4.68
CA GLN C 161 1.86 10.97 3.54
C GLN C 161 0.42 10.82 4.01
N LYS C 162 -0.49 11.55 3.41
CA LYS C 162 -1.89 11.45 3.78
C LYS C 162 -2.47 10.28 2.96
N ARG C 163 -2.28 9.04 3.42
CA ARG C 163 -2.74 7.86 2.66
C ARG C 163 -3.58 6.93 3.55
N GLU C 164 -4.92 7.02 3.41
CA GLU C 164 -5.87 6.25 4.22
C GLU C 164 -6.38 4.94 3.61
N ARG C 165 -6.11 3.80 4.24
CA ARG C 165 -6.56 2.49 3.73
C ARG C 165 -7.31 1.71 4.80
N ILE C 166 -8.06 0.71 4.39
CA ILE C 166 -8.78 -0.13 5.32
C ILE C 166 -8.04 -1.48 5.36
N TYR C 167 -7.74 -1.97 6.56
CA TYR C 167 -7.03 -3.23 6.72
C TYR C 167 -7.97 -4.28 7.27
N MET C 168 -7.91 -5.50 6.73
CA MET C 168 -8.78 -6.59 7.18
C MET C 168 -7.97 -7.83 7.57
N ILE C 169 -8.09 -8.23 8.84
CA ILE C 169 -7.38 -9.38 9.40
C ILE C 169 -8.39 -10.45 9.82
N CYS C 170 -8.12 -11.71 9.50
CA CYS C 170 -9.07 -12.77 9.84
C CYS C 170 -8.42 -14.02 10.38
N PHE C 171 -8.81 -14.43 11.57
CA PHE C 171 -8.25 -15.63 12.20
C PHE C 171 -9.26 -16.78 12.14
N ARG C 172 -8.75 -17.99 11.90
CA ARG C 172 -9.59 -19.21 11.83
C ARG C 172 -10.21 -19.35 13.21
N ASN C 173 -11.48 -19.76 13.24
CA ASN C 173 -12.23 -19.89 14.49
C ASN C 173 -11.75 -20.86 15.57
N ASP C 174 -11.08 -21.95 15.19
CA ASP C 174 -10.64 -22.88 16.21
C ASP C 174 -9.38 -22.45 16.97
N LEU C 175 -8.71 -21.41 16.50
CA LEU C 175 -7.50 -20.92 17.17
C LEU C 175 -7.93 -20.15 18.42
N ASN C 176 -9.15 -19.61 18.37
CA ASN C 176 -9.71 -18.88 19.49
C ASN C 176 -8.83 -17.72 19.93
N ILE C 177 -8.52 -16.80 19.02
CA ILE C 177 -7.69 -15.63 19.32
C ILE C 177 -8.61 -14.53 19.82
N GLN C 178 -8.41 -14.07 21.06
CA GLN C 178 -9.25 -13.01 21.65
C GLN C 178 -8.53 -11.73 22.08
N ASN C 179 -7.29 -11.53 21.63
CA ASN C 179 -6.52 -10.35 22.02
C ASN C 179 -5.76 -9.59 20.94
N PHE C 180 -6.22 -9.67 19.70
CA PHE C 180 -5.56 -8.95 18.62
C PHE C 180 -5.94 -7.48 18.74
N GLN C 181 -5.02 -6.60 18.40
CA GLN C 181 -5.29 -5.17 18.46
C GLN C 181 -4.50 -4.40 17.41
N PHE C 182 -5.15 -3.37 16.87
CA PHE C 182 -4.53 -2.52 15.87
C PHE C 182 -3.54 -1.62 16.60
N PRO C 183 -2.35 -1.41 16.03
CA PRO C 183 -1.30 -0.58 16.62
C PRO C 183 -1.70 0.84 17.01
N LYS C 184 -1.12 1.36 18.08
CA LYS C 184 -1.41 2.71 18.56
C LYS C 184 -0.57 3.74 17.79
N PRO C 185 -1.14 4.93 17.54
CA PRO C 185 -0.49 6.04 16.83
C PRO C 185 0.55 6.78 17.65
N PHE C 186 1.39 7.53 16.95
CA PHE C 186 2.39 8.35 17.58
C PHE C 186 2.62 9.63 16.81
N GLU C 187 3.48 10.51 17.33
CA GLU C 187 3.78 11.80 16.71
C GLU C 187 4.75 11.71 15.55
N LEU C 188 4.46 12.48 14.50
CA LEU C 188 5.27 12.51 13.30
C LEU C 188 6.49 13.41 13.51
N ASN C 189 7.67 12.92 13.12
CA ASN C 189 8.94 13.66 13.24
C ASN C 189 9.75 13.72 11.95
N THR C 190 9.10 13.52 10.82
CA THR C 190 9.76 13.54 9.52
C THR C 190 8.83 14.19 8.53
N PHE C 191 9.35 15.09 7.71
CA PHE C 191 8.52 15.77 6.70
C PHE C 191 9.06 15.62 5.30
N VAL C 192 8.25 16.00 4.30
CA VAL C 192 8.65 15.86 2.91
C VAL C 192 10.06 16.37 2.63
N LYS C 193 10.44 17.45 3.31
CA LYS C 193 11.75 18.08 3.14
C LYS C 193 12.94 17.25 3.64
N ASP C 194 12.68 16.19 4.40
CA ASP C 194 13.76 15.35 4.91
C ASP C 194 14.12 14.15 4.03
N LEU C 195 13.35 13.94 2.96
CA LEU C 195 13.59 12.81 2.06
C LEU C 195 14.06 13.22 0.68
N LEU C 196 14.05 14.52 0.40
CA LEU C 196 14.44 14.99 -0.92
C LEU C 196 15.90 14.77 -1.29
N LEU C 197 16.14 14.63 -2.59
CA LEU C 197 17.48 14.43 -3.13
C LEU C 197 18.15 15.77 -3.41
N PRO C 198 19.46 15.75 -3.67
CA PRO C 198 20.18 17.00 -3.95
C PRO C 198 19.65 17.65 -5.22
N ASP C 199 19.74 18.97 -5.28
CA ASP C 199 19.28 19.75 -6.44
C ASP C 199 19.86 19.31 -7.78
N SER C 200 21.13 18.92 -7.79
CA SER C 200 21.78 18.49 -9.02
C SER C 200 21.20 17.23 -9.68
N GLU C 201 20.58 16.35 -8.90
CA GLU C 201 20.01 15.10 -9.44
C GLU C 201 18.57 15.22 -9.95
N VAL C 202 17.86 16.24 -9.50
CA VAL C 202 16.46 16.45 -9.90
C VAL C 202 16.18 17.66 -10.82
N GLU C 203 17.23 18.22 -11.41
CA GLU C 203 17.13 19.37 -12.33
C GLU C 203 16.19 19.17 -13.51
N HIS C 204 16.16 17.95 -14.04
CA HIS C 204 15.32 17.64 -15.20
C HIS C 204 13.83 17.57 -14.91
N LEU C 205 13.46 17.56 -13.63
CA LEU C 205 12.05 17.46 -13.27
C LEU C 205 11.37 18.80 -13.05
N VAL C 206 12.14 19.87 -13.20
CA VAL C 206 11.62 21.21 -13.02
C VAL C 206 10.63 21.58 -14.13
N ILE C 207 9.68 22.47 -13.81
CA ILE C 207 8.64 22.91 -14.73
C ILE C 207 8.32 24.39 -14.47
N ASP C 208 8.53 25.23 -15.48
CA ASP C 208 8.27 26.67 -15.38
C ASP C 208 7.05 27.03 -16.24
N ARG C 209 5.88 27.10 -15.63
CA ARG C 209 4.66 27.42 -16.36
C ARG C 209 4.24 28.86 -16.13
N LYS C 210 3.74 29.51 -17.18
CA LYS C 210 3.33 30.90 -17.06
C LYS C 210 1.93 31.14 -16.49
N ASP C 211 1.19 30.08 -16.21
CA ASP C 211 -0.15 30.23 -15.64
C ASP C 211 -0.18 29.85 -14.15
N LEU C 212 0.95 30.07 -13.50
CA LEU C 212 1.13 29.80 -12.08
C LEU C 212 0.48 30.88 -11.22
N VAL C 213 -0.35 30.46 -10.26
CA VAL C 213 -1.05 31.38 -9.37
C VAL C 213 -0.81 31.03 -7.90
N MET C 214 -0.05 31.84 -7.17
CA MET C 214 0.17 31.55 -5.76
C MET C 214 -1.05 32.03 -4.96
N THR C 215 -1.61 31.16 -4.13
CA THR C 215 -2.78 31.50 -3.32
C THR C 215 -2.52 31.53 -1.82
N ASN C 216 -1.31 31.14 -1.42
CA ASN C 216 -0.90 31.11 -0.02
C ASN C 216 0.59 31.32 0.05
N GLN C 217 1.08 31.79 1.18
CA GLN C 217 2.51 32.02 1.32
C GLN C 217 3.17 30.82 1.99
N GLU C 218 4.44 30.61 1.70
CA GLU C 218 5.16 29.51 2.29
C GLU C 218 5.11 29.65 3.81
N ILE C 219 4.98 28.52 4.48
CA ILE C 219 4.90 28.52 5.93
C ILE C 219 6.30 28.44 6.55
N GLU C 220 6.40 28.79 7.83
CA GLU C 220 7.70 28.79 8.53
C GLU C 220 7.95 27.69 9.57
N GLN C 221 6.91 26.96 9.94
CA GLN C 221 7.04 25.87 10.89
C GLN C 221 6.32 24.63 10.35
N THR C 222 6.90 23.46 10.59
CA THR C 222 6.35 22.17 10.14
C THR C 222 4.99 21.79 10.71
N THR C 223 4.20 21.02 9.95
CA THR C 223 2.89 20.55 10.40
C THR C 223 2.49 19.25 9.73
N PRO C 224 1.74 18.40 10.43
CA PRO C 224 1.32 17.13 9.84
C PRO C 224 0.00 17.26 9.08
N LYS C 225 0.03 17.97 7.95
CA LYS C 225 -1.13 18.14 7.08
C LYS C 225 -0.71 18.66 5.71
N THR C 226 -1.53 18.42 4.68
CA THR C 226 -1.21 18.90 3.35
C THR C 226 -1.46 20.41 3.29
N VAL C 227 -0.43 21.18 2.96
CA VAL C 227 -0.54 22.63 2.86
C VAL C 227 -0.47 23.02 1.38
N ARG C 228 -1.56 23.57 0.83
CA ARG C 228 -1.59 23.96 -0.59
C ARG C 228 -1.15 25.42 -0.82
N LEU C 229 -0.08 25.60 -1.60
CA LEU C 229 0.44 26.93 -1.88
C LEU C 229 -0.04 27.55 -3.21
N GLY C 230 -0.32 26.72 -4.21
CA GLY C 230 -0.73 27.26 -5.51
C GLY C 230 -1.38 26.30 -6.48
N ILE C 231 -1.74 26.82 -7.64
CA ILE C 231 -2.44 26.06 -8.70
C ILE C 231 -2.03 26.47 -10.13
N VAL C 232 -2.23 25.57 -11.09
CA VAL C 232 -1.96 25.86 -12.52
C VAL C 232 -3.19 25.33 -13.27
N GLY C 233 -3.47 25.88 -14.44
CA GLY C 233 -4.63 25.42 -15.17
C GLY C 233 -5.89 25.70 -14.36
N LYS C 234 -6.76 24.70 -14.24
CA LYS C 234 -8.01 24.86 -13.49
C LYS C 234 -7.90 24.28 -12.07
N GLY C 235 -6.73 23.76 -11.73
CA GLY C 235 -6.55 23.18 -10.41
C GLY C 235 -7.13 21.79 -10.22
N GLY C 236 -7.06 20.97 -11.27
CA GLY C 236 -7.57 19.61 -11.18
C GLY C 236 -6.44 18.68 -10.78
N GLN C 237 -6.71 17.38 -10.73
CA GLN C 237 -5.70 16.39 -10.37
C GLN C 237 -4.39 16.56 -11.16
N GLY C 238 -3.29 16.81 -10.47
CA GLY C 238 -2.00 16.96 -11.13
C GLY C 238 -1.69 18.41 -11.45
N GLU C 239 -2.54 19.30 -10.96
CA GLU C 239 -2.36 20.73 -11.19
C GLU C 239 -2.34 21.51 -9.87
N ARG C 240 -2.08 20.80 -8.77
CA ARG C 240 -2.04 21.41 -7.44
C ARG C 240 -0.60 21.38 -6.90
N ILE C 241 -0.14 22.51 -6.37
CA ILE C 241 1.22 22.61 -5.81
C ILE C 241 1.18 22.74 -4.27
N TYR C 242 1.99 21.94 -3.58
CA TYR C 242 2.06 21.91 -2.12
C TYR C 242 3.42 22.30 -1.56
N SER C 243 3.45 22.47 -0.24
CA SER C 243 4.64 22.83 0.49
C SER C 243 5.44 21.62 0.98
N THR C 244 6.77 21.74 0.97
CA THR C 244 7.63 20.67 1.44
C THR C 244 7.75 20.72 2.95
N ARG C 245 6.97 21.60 3.58
CA ARG C 245 7.01 21.75 5.03
C ARG C 245 5.84 20.98 5.67
N GLY C 246 4.98 20.41 4.82
CA GLY C 246 3.87 19.62 5.30
C GLY C 246 4.08 18.15 4.91
N ILE C 247 3.03 17.49 4.42
CA ILE C 247 3.13 16.08 4.02
C ILE C 247 2.68 15.87 2.58
N ALA C 248 3.07 14.75 1.99
CA ALA C 248 2.69 14.46 0.62
C ALA C 248 1.27 13.95 0.45
N ILE C 249 0.70 14.17 -0.74
CA ILE C 249 -0.64 13.71 -1.07
C ILE C 249 -0.54 12.26 -1.54
N THR C 250 -1.67 11.56 -1.62
CA THR C 250 -1.67 10.16 -2.07
C THR C 250 -1.09 9.99 -3.48
N LEU C 251 -0.14 9.08 -3.64
CA LEU C 251 0.48 8.80 -4.94
C LEU C 251 -0.49 7.92 -5.74
N SER C 252 -0.54 8.06 -7.07
CA SER C 252 -1.47 7.24 -7.89
C SER C 252 -0.83 6.54 -9.07
N ALA C 253 -1.56 5.64 -9.73
CA ALA C 253 -0.99 4.89 -10.84
C ALA C 253 -1.39 5.24 -12.28
N TYR C 254 -2.57 5.80 -12.48
CA TYR C 254 -3.01 6.13 -13.84
C TYR C 254 -3.39 7.61 -13.97
N GLY C 255 -2.92 8.41 -13.04
CA GLY C 255 -3.28 9.82 -13.03
C GLY C 255 -2.74 10.74 -14.08
N GLY C 256 -3.37 11.90 -14.20
CA GLY C 256 -2.97 12.88 -15.19
C GLY C 256 -2.40 14.16 -14.62
N GLY C 257 -2.59 15.26 -15.34
CA GLY C 257 -2.07 16.54 -14.90
C GLY C 257 -0.63 16.73 -15.32
N ILE C 258 -0.18 17.97 -15.43
CA ILE C 258 1.20 18.23 -15.82
C ILE C 258 2.17 17.66 -14.76
N PHE C 259 1.71 17.60 -13.51
CA PHE C 259 2.51 17.03 -12.42
C PHE C 259 1.94 15.63 -12.13
N ALA C 260 1.79 14.84 -13.17
CA ALA C 260 1.22 13.51 -13.04
C ALA C 260 1.74 12.60 -11.92
N LYS C 261 0.80 11.84 -11.36
CA LYS C 261 1.05 10.81 -10.34
C LYS C 261 1.68 11.14 -8.99
N THR C 262 2.39 12.26 -8.87
CA THR C 262 3.02 12.60 -7.61
C THR C 262 2.56 13.96 -7.05
N GLY C 263 2.16 14.87 -7.94
CA GLY C 263 1.73 16.19 -7.51
C GLY C 263 2.92 17.12 -7.59
N GLY C 264 2.70 18.43 -7.44
CA GLY C 264 3.82 19.37 -7.52
C GLY C 264 4.24 19.96 -6.20
N TYR C 265 5.53 20.27 -6.02
CA TYR C 265 6.04 20.85 -4.77
C TYR C 265 6.97 22.05 -5.00
N LEU C 266 6.88 23.04 -4.10
CA LEU C 266 7.73 24.23 -4.18
C LEU C 266 9.09 23.94 -3.51
N VAL C 267 10.11 23.63 -4.29
CA VAL C 267 11.43 23.33 -3.75
C VAL C 267 12.47 24.40 -4.10
N ASN C 268 13.02 25.07 -3.09
CA ASN C 268 14.03 26.12 -3.28
C ASN C 268 13.72 27.11 -4.39
N GLY C 269 12.54 27.71 -4.34
CA GLY C 269 12.18 28.68 -5.35
C GLY C 269 11.59 28.09 -6.62
N LYS C 270 11.76 26.79 -6.86
CA LYS C 270 11.25 26.14 -8.07
C LYS C 270 10.10 25.16 -7.84
N THR C 271 9.37 24.84 -8.91
CA THR C 271 8.25 23.90 -8.84
C THR C 271 8.58 22.65 -9.68
N ARG C 272 8.58 21.48 -9.06
CA ARG C 272 8.89 20.23 -9.76
C ARG C 272 8.08 19.08 -9.16
N LYS C 273 8.12 17.92 -9.81
CA LYS C 273 7.43 16.73 -9.29
C LYS C 273 8.48 15.81 -8.66
N LEU C 274 8.07 14.70 -8.05
CA LEU C 274 9.05 13.84 -7.38
C LEU C 274 9.80 12.86 -8.29
N HIS C 275 10.99 12.48 -7.86
CA HIS C 275 11.85 11.53 -8.58
C HIS C 275 11.40 10.16 -8.09
N PRO C 276 11.60 9.09 -8.88
CA PRO C 276 11.18 7.75 -8.43
C PRO C 276 11.72 7.35 -7.06
N ARG C 277 12.99 7.66 -6.80
CA ARG C 277 13.60 7.33 -5.53
C ARG C 277 12.89 8.06 -4.38
N GLU C 278 12.51 9.31 -4.60
CA GLU C 278 11.82 10.08 -3.56
C GLU C 278 10.43 9.45 -3.31
N CYS C 279 9.86 8.77 -4.32
CA CYS C 279 8.57 8.10 -4.18
C CYS C 279 8.79 6.88 -3.28
N ALA C 280 9.88 6.15 -3.53
CA ALA C 280 10.21 4.96 -2.72
C ALA C 280 10.27 5.38 -1.27
N ARG C 281 10.95 6.49 -1.00
CA ARG C 281 11.07 6.96 0.37
C ARG C 281 9.73 7.29 1.01
N VAL C 282 8.82 8.00 0.34
CA VAL C 282 7.51 8.29 0.97
C VAL C 282 6.60 7.08 1.09
N MET C 283 7.04 5.92 0.58
CA MET C 283 6.28 4.68 0.69
C MET C 283 6.94 3.74 1.72
N GLY C 284 8.06 4.19 2.27
CA GLY C 284 8.75 3.40 3.27
C GLY C 284 9.76 2.39 2.76
N TYR C 285 10.12 2.47 1.48
CA TYR C 285 11.12 1.54 0.90
C TYR C 285 12.57 1.98 1.20
N PRO C 286 13.46 1.01 1.45
CA PRO C 286 14.87 1.29 1.74
C PRO C 286 15.66 1.60 0.48
N ASP C 287 16.72 2.39 0.61
CA ASP C 287 17.51 2.79 -0.55
C ASP C 287 18.18 1.64 -1.30
N SER C 288 18.11 0.42 -0.75
CA SER C 288 18.72 -0.71 -1.42
C SER C 288 17.78 -1.48 -2.35
N TYR C 289 16.52 -1.04 -2.42
CA TYR C 289 15.53 -1.68 -3.29
C TYR C 289 15.78 -1.17 -4.71
N LYS C 290 16.15 -2.06 -5.62
CA LYS C 290 16.41 -1.69 -7.01
C LYS C 290 15.11 -1.32 -7.76
N VAL C 291 15.04 -0.14 -8.38
CA VAL C 291 13.82 0.24 -9.12
C VAL C 291 13.86 -0.11 -10.60
N HIS C 292 12.70 -0.14 -11.22
CA HIS C 292 12.63 -0.47 -12.63
C HIS C 292 13.31 0.56 -13.52
N PRO C 293 14.08 0.09 -14.52
CA PRO C 293 14.80 0.95 -15.47
C PRO C 293 13.97 1.96 -16.24
N SER C 294 12.68 1.67 -16.44
CA SER C 294 11.77 2.58 -17.14
C SER C 294 11.07 3.48 -16.14
N THR C 295 11.38 4.77 -16.21
CA THR C 295 10.79 5.77 -15.32
C THR C 295 9.27 5.74 -15.33
N SER C 296 8.68 5.49 -16.49
CA SER C 296 7.23 5.50 -16.57
C SER C 296 6.56 4.41 -15.73
N GLN C 297 7.09 3.19 -15.82
CA GLN C 297 6.53 2.07 -15.08
C GLN C 297 6.86 2.15 -13.59
N ALA C 298 8.01 2.73 -13.26
CA ALA C 298 8.38 2.88 -11.87
C ALA C 298 7.31 3.68 -11.12
N TYR C 299 6.81 4.77 -11.71
CA TYR C 299 5.77 5.59 -11.07
C TYR C 299 4.47 4.84 -10.86
N LYS C 300 4.05 4.07 -11.85
CA LYS C 300 2.82 3.31 -11.75
C LYS C 300 2.95 2.26 -10.64
N GLN C 301 4.10 1.60 -10.58
CA GLN C 301 4.33 0.58 -9.58
C GLN C 301 4.25 1.12 -8.16
N PHE C 302 4.92 2.22 -7.88
CA PHE C 302 4.85 2.78 -6.54
C PHE C 302 3.47 3.26 -6.15
N GLY C 303 2.68 3.76 -7.10
CA GLY C 303 1.35 4.24 -6.78
C GLY C 303 0.35 3.13 -6.48
N ASN C 304 0.66 1.89 -6.86
CA ASN C 304 -0.25 0.78 -6.60
C ASN C 304 0.10 0.07 -5.29
N SER C 305 1.26 0.38 -4.73
CA SER C 305 1.77 -0.30 -3.54
C SER C 305 1.20 0.03 -2.15
N VAL C 306 1.84 -0.56 -1.14
CA VAL C 306 1.49 -0.38 0.26
C VAL C 306 2.66 0.27 1.01
N VAL C 307 2.37 0.88 2.16
CA VAL C 307 3.40 1.51 2.99
C VAL C 307 3.97 0.47 3.97
N ILE C 308 5.24 0.15 3.83
CA ILE C 308 5.90 -0.86 4.66
C ILE C 308 5.76 -0.73 6.16
N ASN C 309 6.05 0.44 6.68
CA ASN C 309 5.98 0.65 8.11
C ASN C 309 4.64 0.18 8.70
N VAL C 310 3.51 0.63 8.15
CA VAL C 310 2.20 0.22 8.67
C VAL C 310 2.00 -1.32 8.64
N LEU C 311 2.51 -1.97 7.61
CA LEU C 311 2.38 -3.40 7.49
C LEU C 311 3.22 -4.11 8.53
N GLN C 312 4.40 -3.56 8.83
CA GLN C 312 5.29 -4.16 9.83
C GLN C 312 4.67 -4.15 11.23
N TYR C 313 4.22 -2.99 11.69
CA TYR C 313 3.57 -2.89 13.01
C TYR C 313 2.40 -3.88 13.12
N ILE C 314 1.56 -4.00 12.07
CA ILE C 314 0.44 -4.94 12.11
C ILE C 314 0.90 -6.41 12.12
N ALA C 315 1.99 -6.71 11.44
CA ALA C 315 2.49 -8.08 11.39
C ALA C 315 3.03 -8.54 12.76
N TYR C 316 3.68 -7.62 13.48
CA TYR C 316 4.23 -7.93 14.81
C TYR C 316 3.08 -8.35 15.72
N ASN C 317 1.99 -7.57 15.70
CA ASN C 317 0.81 -7.83 16.52
C ASN C 317 0.12 -9.15 16.18
N ILE C 318 0.07 -9.52 14.91
CA ILE C 318 -0.53 -10.79 14.52
C ILE C 318 0.27 -11.94 15.15
N GLY C 319 1.60 -11.84 15.15
CA GLY C 319 2.43 -12.87 15.76
C GLY C 319 2.31 -12.93 17.27
N SER C 320 2.25 -11.79 17.94
CA SER C 320 2.14 -11.75 19.38
C SER C 320 0.91 -12.52 19.85
N SER C 321 -0.22 -12.31 19.17
CA SER C 321 -1.48 -12.98 19.50
C SER C 321 -1.40 -14.50 19.32
N LEU C 322 -0.73 -14.92 18.25
CA LEU C 322 -0.57 -16.33 17.97
C LEU C 322 0.36 -17.04 18.98
N ASN C 323 1.32 -16.30 19.52
CA ASN C 323 2.29 -16.87 20.46
C ASN C 323 1.86 -16.92 21.93
N PHE C 324 0.74 -16.30 22.25
CA PHE C 324 0.24 -16.28 23.63
C PHE C 324 -0.63 -17.51 23.89
N LYS C 325 -0.01 -18.60 24.32
CA LYS C 325 -0.73 -19.83 24.60
C LYS C 325 -0.40 -20.39 25.99
N PRO C 326 -0.91 -19.74 27.05
CA PRO C 326 -0.66 -20.18 28.42
C PRO C 326 -1.41 -21.47 28.79
N TYR C 327 -1.04 -22.05 29.93
CA TYR C 327 -1.67 -23.26 30.45
C TYR C 327 -2.92 -22.86 31.24
#